data_5HOX
#
_entry.id   5HOX
#
_cell.length_a   97.369
_cell.length_b   97.369
_cell.length_c   97.591
_cell.angle_alpha   90.00
_cell.angle_beta   90.00
_cell.angle_gamma   120.00
#
_symmetry.space_group_name_H-M   'P 61 2 2'
#
loop_
_entity.id
_entity.type
_entity.pdbx_description
1 polymer 'Amyloid beta A4 protein'
2 non-polymer "O-(O-(2-AMINOPROPYL)-O'-(2-METHOXYETHYL)POLYPROPYLENE GLYCOL 500)"
3 water water
#
_entity_poly.entity_id   1
_entity_poly.type   'polypeptide(L)'
_entity_poly.pdbx_seq_one_letter_code
;(ORN)LVFFAEDCGSNKCAII(SAR)LMV
;
_entity_poly.pdbx_strand_id   A,B,C,D,E,F
#
loop_
_chem_comp.id
_chem_comp.type
_chem_comp.name
_chem_comp.formula
JEF non-polymer 'O-(O-(2-AMINOPROPYL)-O'-(2-METHOXYETHYL)POLYPROPYLENE GLYCOL 500)' 'C30 H63 N O10'
#
# COMPACT_ATOMS: atom_id res chain seq x y z
N ORN A 1 12.75 2.32 -13.69
CA ORN A 1 11.99 2.12 -12.46
CB ORN A 1 10.94 3.30 -12.20
CG ORN A 1 11.52 4.59 -11.68
CD ORN A 1 11.91 4.46 -10.23
NE ORN A 1 10.73 4.30 -9.37
C ORN A 1 11.18 0.81 -12.53
O ORN A 1 10.95 0.23 -13.57
H2 ORN A 1 12.16 2.59 -14.48
H ORN A 1 13.24 1.48 -14.00
H3 ORN A 1 13.47 3.04 -13.62
HA ORN A 1 12.73 2.03 -11.66
HB2 ORN A 1 10.39 3.52 -13.13
HB3 ORN A 1 10.23 2.94 -11.43
HG2 ORN A 1 12.41 4.84 -12.27
HG3 ORN A 1 10.79 5.39 -11.78
HD2 ORN A 1 12.42 5.39 -9.94
HD3 ORN A 1 12.56 3.60 -10.12
HE1 ORN A 1 10.18 5.14 -9.20
N LEU A 2 10.69 0.35 -11.35
CA LEU A 2 9.84 -0.82 -11.27
C LEU A 2 8.42 -0.31 -11.32
N VAL A 3 7.56 -1.07 -11.96
CA VAL A 3 6.13 -0.70 -12.00
C VAL A 3 5.39 -1.94 -11.47
N PHE A 4 4.70 -1.80 -10.35
CA PHE A 4 3.83 -2.83 -9.82
C PHE A 4 2.40 -2.54 -10.27
N PHE A 5 1.56 -3.58 -10.28
CA PHE A 5 0.18 -3.47 -10.76
C PHE A 5 -0.76 -3.80 -9.62
N ALA A 6 -1.82 -2.99 -9.53
CA ALA A 6 -2.83 -3.15 -8.51
C ALA A 6 -4.18 -2.90 -9.15
N GLU A 7 -5.21 -3.52 -8.59
CA GLU A 7 -6.59 -3.14 -8.91
C GLU A 7 -6.98 -2.14 -7.85
N ASP A 8 -7.37 -0.95 -8.27
CA ASP A 8 -7.78 0.11 -7.36
C ASP A 8 -9.29 0.04 -7.35
N CYS A 9 -9.86 -0.41 -6.23
CA CYS A 9 -11.29 -0.69 -6.15
C CYS A 9 -12.02 0.34 -5.30
N GLY A 10 -13.08 0.93 -5.87
CA GLY A 10 -14.05 1.70 -5.13
C GLY A 10 -15.26 0.85 -4.78
N SER A 11 -16.34 1.54 -4.38
CA SER A 11 -17.51 0.82 -3.92
C SER A 11 -17.98 -0.18 -4.96
N ASN A 12 -18.15 0.30 -6.19
CA ASN A 12 -18.76 -0.51 -7.24
C ASN A 12 -17.78 -0.98 -8.32
N LYS A 13 -16.64 -0.34 -8.49
CA LYS A 13 -15.84 -0.62 -9.68
C LYS A 13 -14.36 -0.64 -9.33
N CYS A 14 -13.58 -1.31 -10.18
CA CYS A 14 -12.14 -1.50 -10.02
C CYS A 14 -11.45 -1.10 -11.31
N ALA A 15 -10.31 -0.45 -11.18
CA ALA A 15 -9.47 -0.04 -12.28
C ALA A 15 -8.08 -0.60 -12.05
N ILE A 16 -7.38 -0.94 -13.15
CA ILE A 16 -5.98 -1.37 -13.00
C ILE A 16 -5.10 -0.15 -12.94
N ILE A 17 -4.19 -0.11 -11.97
CA ILE A 17 -3.22 0.96 -11.96
C ILE A 17 -1.74 0.45 -11.83
N SAR A 18 -0.76 1.29 -12.25
CA SAR A 18 0.70 1.07 -12.04
C SAR A 18 1.10 1.81 -10.92
O SAR A 18 0.72 2.92 -10.66
CN SAR A 18 -1.02 2.55 -12.98
HA2 SAR A 18 1.09 0.19 -12.12
HA3 SAR A 18 1.00 1.61 -12.82
HN1 SAR A 18 -0.66 2.49 -13.89
HN2 SAR A 18 -0.59 3.30 -12.49
HN3 SAR A 18 -1.99 2.70 -13.01
N LEU A 19 1.87 1.18 -10.08
CA LEU A 19 2.51 1.93 -9.03
C LEU A 19 4.01 1.91 -9.31
N MET A 20 4.58 3.08 -9.52
CA MET A 20 5.91 3.19 -10.07
C MET A 20 6.89 3.49 -8.96
N VAL A 21 7.99 2.73 -8.91
CA VAL A 21 9.11 3.03 -7.97
C VAL A 21 10.41 3.08 -8.80
N ORN B 1 -9.98 0.11 -1.80
CA ORN B 1 -8.73 -0.58 -1.43
CB ORN B 1 -9.00 -1.90 -0.61
CG ORN B 1 -9.35 -1.71 0.85
CD ORN B 1 -8.15 -1.18 1.71
NE ORN B 1 -7.07 -2.18 1.81
C ORN B 1 -8.00 -1.00 -2.69
O ORN B 1 -8.55 -1.11 -3.80
H2 ORN B 1 -10.70 -0.52 -2.15
H ORN B 1 -9.85 0.81 -2.53
H3 ORN B 1 -10.42 0.61 -1.01
HA ORN B 1 -8.11 0.15 -0.89
HB2 ORN B 1 -8.10 -2.52 -0.65
HB3 ORN B 1 -9.83 -2.41 -1.09
HG2 ORN B 1 -10.18 -1.00 0.92
HG3 ORN B 1 -9.67 -2.68 1.25
HD2 ORN B 1 -7.76 -0.27 1.24
HD3 ORN B 1 -8.51 -0.97 2.72
HE1 ORN B 1 -7.20 -2.89 2.53
N LEU B 2 -6.70 -1.29 -2.48
CA LEU B 2 -5.82 -1.79 -3.56
C LEU B 2 -5.81 -3.28 -3.46
N VAL B 3 -5.78 -3.97 -4.58
CA VAL B 3 -5.61 -5.40 -4.54
C VAL B 3 -4.36 -5.66 -5.35
N PHE B 4 -3.36 -6.28 -4.75
CA PHE B 4 -2.13 -6.74 -5.41
C PHE B 4 -2.24 -8.24 -5.71
N PHE B 5 -1.37 -8.70 -6.60
CA PHE B 5 -1.45 -10.07 -7.04
C PHE B 5 -0.11 -10.77 -6.95
N ALA B 6 -0.21 -12.03 -6.61
CA ALA B 6 0.95 -12.87 -6.47
C ALA B 6 0.61 -14.28 -6.91
N GLU B 7 1.63 -14.99 -7.40
CA GLU B 7 1.57 -16.40 -7.63
C GLU B 7 2.01 -17.08 -6.33
N ASP B 8 1.13 -17.86 -5.74
CA ASP B 8 1.43 -18.60 -4.52
C ASP B 8 1.83 -20.02 -4.88
N CYS B 9 3.08 -20.38 -4.56
CA CYS B 9 3.71 -21.60 -5.07
C CYS B 9 4.01 -22.52 -3.90
N GLY B 10 3.39 -23.70 -3.91
CA GLY B 10 3.71 -24.76 -2.96
C GLY B 10 4.58 -25.80 -3.61
N SER B 11 4.51 -27.03 -3.08
CA SER B 11 5.37 -28.10 -3.58
C SER B 11 5.18 -28.27 -5.09
N ASN B 12 3.95 -28.24 -5.56
CA ASN B 12 3.66 -28.43 -6.97
C ASN B 12 2.74 -27.33 -7.46
N LYS B 13 1.62 -27.11 -6.78
CA LYS B 13 0.58 -26.22 -7.28
C LYS B 13 1.02 -24.76 -7.22
N CYS B 14 0.57 -23.98 -8.23
CA CYS B 14 0.76 -22.54 -8.29
C CYS B 14 -0.58 -21.92 -8.63
N ALA B 15 -1.00 -20.91 -7.87
CA ALA B 15 -2.25 -20.25 -8.14
C ALA B 15 -2.05 -18.76 -7.91
N ILE B 16 -2.78 -17.95 -8.64
CA ILE B 16 -2.67 -16.52 -8.49
C ILE B 16 -3.63 -16.10 -7.40
N ILE B 17 -3.15 -15.30 -6.45
CA ILE B 17 -3.98 -14.87 -5.34
C ILE B 17 -4.05 -13.36 -5.32
N SAR B 18 -5.14 -12.77 -4.81
CA SAR B 18 -5.10 -11.35 -4.51
C SAR B 18 -4.72 -11.09 -3.21
O SAR B 18 -4.93 -11.86 -2.33
CN SAR B 18 -6.36 -13.46 -4.31
HA2 SAR B 18 -4.73 -10.73 -5.16
HA3 SAR B 18 -6.07 -11.23 -4.49
HN1 SAR B 18 -6.46 -13.30 -3.33
HN2 SAR B 18 -6.28 -14.43 -4.46
HN3 SAR B 18 -7.15 -13.12 -4.77
N LEU B 19 -4.14 -9.91 -2.98
CA LEU B 19 -3.80 -9.44 -1.63
C LEU B 19 -4.30 -8.01 -1.45
N MET B 20 -5.22 -7.81 -0.51
CA MET B 20 -5.98 -6.57 -0.43
C MET B 20 -5.39 -5.68 0.63
N VAL B 21 -5.24 -4.40 0.28
CA VAL B 21 -4.94 -3.31 1.24
C VAL B 21 -5.96 -2.16 1.01
N ORN C 1 6.69 -20.30 -1.93
CA ORN C 1 7.02 -18.88 -1.81
CB ORN C 1 8.39 -18.55 -2.44
CG ORN C 1 9.62 -18.75 -1.58
CD ORN C 1 9.72 -17.75 -0.45
NE ORN C 1 10.10 -16.44 -0.92
C ORN C 1 5.97 -18.13 -2.65
O ORN C 1 5.19 -18.73 -3.42
H2 ORN C 1 6.91 -20.69 -2.85
H ORN C 1 5.71 -20.50 -1.77
H3 ORN C 1 7.19 -20.89 -1.26
HA ORN C 1 6.92 -18.60 -0.76
HB2 ORN C 1 8.39 -17.49 -2.72
HB3 ORN C 1 8.52 -19.17 -3.33
HG2 ORN C 1 9.59 -19.77 -1.16
HG3 ORN C 1 10.50 -18.65 -2.21
HD2 ORN C 1 10.48 -18.11 0.25
HD3 ORN C 1 8.74 -17.69 0.04
HE1 ORN C 1 11.09 -16.30 -1.12
N LEU C 2 5.97 -16.78 -2.51
CA LEU C 2 5.10 -15.95 -3.32
C LEU C 2 5.95 -15.33 -4.41
N VAL C 3 5.45 -15.08 -5.61
CA VAL C 3 6.10 -14.36 -6.72
C VAL C 3 5.22 -13.13 -7.09
N PHE C 4 5.71 -11.94 -6.75
CA PHE C 4 5.01 -10.74 -7.21
C PHE C 4 5.49 -10.39 -8.63
N PHE C 5 4.73 -9.55 -9.30
N PHE C 5 4.73 -9.50 -9.25
CA PHE C 5 4.98 -9.21 -10.69
CA PHE C 5 4.85 -9.12 -10.66
C PHE C 5 5.30 -7.73 -10.78
C PHE C 5 5.37 -7.69 -10.67
N ALA C 6 6.31 -7.41 -11.54
CA ALA C 6 6.68 -6.04 -11.76
C ALA C 6 7.13 -5.93 -13.19
N GLU C 7 7.13 -4.72 -13.70
CA GLU C 7 7.83 -4.43 -14.94
C GLU C 7 9.03 -3.58 -14.61
N ASP C 8 10.16 -3.96 -15.18
CA ASP C 8 11.40 -3.25 -15.02
C ASP C 8 11.50 -2.37 -16.25
N CYS C 9 11.39 -1.05 -16.07
CA CYS C 9 11.20 -0.12 -17.17
C CYS C 9 12.36 0.85 -17.23
N GLY C 10 12.87 1.07 -18.44
CA GLY C 10 14.01 1.93 -18.67
C GLY C 10 14.12 2.30 -20.13
N SER C 11 14.23 3.60 -20.37
CA SER C 11 14.35 4.17 -21.73
C SER C 11 13.37 3.50 -22.68
N ASN C 12 12.09 3.57 -22.32
CA ASN C 12 11.02 3.17 -23.23
C ASN C 12 11.14 1.71 -23.63
N LYS C 13 11.44 0.86 -22.64
CA LYS C 13 11.52 -0.58 -22.80
C LYS C 13 11.16 -1.18 -21.46
N CYS C 14 10.12 -2.00 -21.41
CA CYS C 14 9.70 -2.59 -20.15
C CYS C 14 9.85 -4.09 -20.31
N ALA C 15 10.19 -4.78 -19.23
CA ALA C 15 10.24 -6.23 -19.27
C ALA C 15 9.62 -6.73 -17.98
N ILE C 16 8.81 -7.76 -18.06
CA ILE C 16 8.18 -8.27 -16.84
C ILE C 16 9.25 -9.04 -16.08
N ILE C 17 9.25 -8.91 -14.78
CA ILE C 17 10.13 -9.71 -13.95
C ILE C 17 9.35 -10.26 -12.76
N SAR C 18 9.83 -11.35 -12.16
CA SAR C 18 9.23 -11.77 -10.88
C SAR C 18 10.02 -11.39 -9.84
O SAR C 18 11.20 -11.29 -9.99
CN SAR C 18 10.92 -12.19 -12.71
HA2 SAR C 18 8.29 -11.67 -10.72
HA3 SAR C 18 9.43 -12.74 -10.99
HN1 SAR C 18 10.55 -13.07 -12.95
HN2 SAR C 18 11.29 -11.76 -13.51
HN3 SAR C 18 11.62 -12.30 -12.04
N LEU C 19 9.41 -11.13 -8.69
CA LEU C 19 10.10 -10.82 -7.43
C LEU C 19 9.65 -11.86 -6.45
N MET C 20 10.53 -12.79 -6.10
CA MET C 20 10.15 -13.97 -5.36
C MET C 20 10.40 -13.73 -3.89
N VAL C 21 9.45 -14.17 -3.04
CA VAL C 21 9.60 -14.09 -1.58
C VAL C 21 9.16 -15.45 -1.06
N ORN D 1 -2.74 -5.09 17.65
CA ORN D 1 -2.22 -4.81 16.29
CB ORN D 1 -3.14 -5.41 15.18
CG ORN D 1 -2.94 -6.88 14.87
CD ORN D 1 -1.72 -7.25 13.95
NE ORN D 1 -1.84 -6.69 12.60
C ORN D 1 -2.25 -3.29 16.13
O ORN D 1 -2.87 -2.57 16.92
H2 ORN D 1 -2.33 -4.50 18.38
H ORN D 1 -2.57 -6.05 17.96
H3 ORN D 1 -3.75 -4.94 17.73
HA ORN D 1 -1.18 -5.14 16.26
HB2 ORN D 1 -4.19 -5.25 15.44
HB3 ORN D 1 -2.89 -4.87 14.25
HG2 ORN D 1 -3.85 -7.24 14.38
HG3 ORN D 1 -2.83 -7.42 15.82
HD2 ORN D 1 -0.81 -6.86 14.41
HD3 ORN D 1 -1.67 -8.34 13.87
HE1 ORN D 1 -2.37 -7.25 11.93
N LEU D 2 -1.58 -2.84 15.03
CA LEU D 2 -1.54 -1.44 14.66
C LEU D 2 -2.65 -1.18 13.65
N VAL D 3 -3.30 -0.02 13.78
CA VAL D 3 -4.26 0.32 12.77
C VAL D 3 -3.75 1.62 12.21
N PHE D 4 -3.49 1.65 10.91
CA PHE D 4 -3.15 2.87 10.22
C PHE D 4 -4.40 3.40 9.51
N PHE D 5 -4.36 4.67 9.18
CA PHE D 5 -5.50 5.28 8.54
C PHE D 5 -5.13 5.89 7.22
N ALA D 6 -6.05 5.74 6.29
CA ALA D 6 -5.86 6.31 4.99
C ALA D 6 -7.16 6.79 4.44
N GLU D 7 -7.05 7.74 3.54
CA GLU D 7 -8.19 8.13 2.76
C GLU D 7 -8.22 7.28 1.50
N ASP D 8 -9.30 6.55 1.31
CA ASP D 8 -9.40 5.57 0.24
C ASP D 8 -10.10 6.25 -0.92
N CYS D 9 -9.34 6.57 -1.97
CA CYS D 9 -9.85 7.28 -3.12
C CYS D 9 -10.07 6.36 -4.31
N GLY D 10 -10.17 5.04 -4.08
CA GLY D 10 -10.36 4.11 -5.17
C GLY D 10 -11.66 4.37 -5.91
N SER D 11 -12.72 4.68 -5.16
CA SER D 11 -13.96 5.21 -5.70
C SER D 11 -13.84 6.71 -5.93
N ASN D 12 -14.86 7.30 -6.56
CA ASN D 12 -14.93 8.76 -6.66
C ASN D 12 -15.03 9.38 -5.27
N LYS D 13 -16.00 8.93 -4.47
CA LYS D 13 -16.08 9.36 -3.08
C LYS D 13 -14.84 8.91 -2.31
N CYS D 14 -14.23 9.85 -1.61
CA CYS D 14 -13.21 9.46 -0.65
C CYS D 14 -13.88 9.07 0.65
N ALA D 15 -13.18 8.23 1.39
CA ALA D 15 -13.57 7.84 2.73
C ALA D 15 -12.34 7.41 3.55
N ILE D 16 -12.33 7.73 4.84
CA ILE D 16 -11.25 7.29 5.71
C ILE D 16 -11.44 5.82 6.00
N ILE D 17 -10.40 5.03 5.82
CA ILE D 17 -10.48 3.66 6.28
C ILE D 17 -9.31 3.33 7.23
N SAR D 18 -9.48 2.27 8.02
CA SAR D 18 -8.40 1.74 8.84
C SAR D 18 -7.78 0.65 8.19
O SAR D 18 -8.39 -0.12 7.51
CN SAR D 18 -10.72 1.53 8.20
HA2 SAR D 18 -7.80 2.35 9.29
HA3 SAR D 18 -8.99 1.33 9.52
HN1 SAR D 18 -11.06 1.66 9.11
HN2 SAR D 18 -10.57 0.57 8.04
HN3 SAR D 18 -11.39 1.85 7.56
N LEU D 19 -6.48 0.51 8.39
CA LEU D 19 -5.73 -0.66 7.88
C LEU D 19 -4.98 -1.35 8.98
N MET D 20 -5.28 -2.61 9.22
CA MET D 20 -4.82 -3.30 10.42
C MET D 20 -3.68 -4.24 10.09
N VAL D 21 -2.60 -4.12 10.87
CA VAL D 21 -1.44 -5.00 10.86
C VAL D 21 -1.24 -5.50 12.27
N ORN E 1 12.35 14.21 9.58
CA ORN E 1 11.78 12.87 9.47
CB ORN E 1 12.04 12.03 10.75
CG ORN E 1 13.45 11.42 10.86
CD ORN E 1 13.71 10.24 9.91
NE ORN E 1 12.92 9.12 10.23
C ORN E 1 10.27 13.03 9.28
O ORN E 1 9.71 14.13 9.37
H2 ORN E 1 12.16 14.65 10.48
H ORN E 1 11.99 14.87 8.88
H3 ORN E 1 13.37 14.22 9.47
HA ORN E 1 12.20 12.43 8.56
HB2 ORN E 1 11.32 11.20 10.78
HB3 ORN E 1 11.90 12.69 11.62
HG2 ORN E 1 14.18 12.21 10.66
HG3 ORN E 1 13.59 11.08 11.89
HD2 ORN E 1 13.48 10.55 8.89
HD3 ORN E 1 14.76 9.95 9.99
HE1 ORN E 1 13.27 8.50 10.97
N LEU E 2 9.62 11.86 9.02
CA LEU E 2 8.18 11.79 8.83
C LEU E 2 7.60 11.14 10.07
N VAL E 3 6.46 11.59 10.55
CA VAL E 3 5.85 10.95 11.72
C VAL E 3 4.53 10.39 11.25
N PHE E 4 4.36 9.08 11.22
CA PHE E 4 3.09 8.44 10.87
C PHE E 4 2.36 8.14 12.15
N PHE E 5 1.07 7.92 12.03
CA PHE E 5 0.27 7.72 13.22
C PHE E 5 -0.47 6.39 13.16
N ALA E 6 -0.61 5.74 14.31
CA ALA E 6 -1.37 4.52 14.36
C ALA E 6 -2.05 4.36 15.67
N GLU E 7 -3.13 3.61 15.61
CA GLU E 7 -3.80 3.15 16.81
C GLU E 7 -3.18 1.81 17.21
N ASP E 8 -2.57 1.78 18.40
CA ASP E 8 -1.79 0.64 18.89
C ASP E 8 -2.68 -0.06 19.90
N CYS E 9 -3.19 -1.20 19.53
CA CYS E 9 -4.25 -1.82 20.26
C CYS E 9 -3.61 -3.00 20.95
N GLY E 10 -3.20 -2.76 22.22
CA GLY E 10 -2.52 -3.71 23.07
C GLY E 10 -3.56 -4.54 23.74
N SER E 11 -3.37 -4.82 25.03
CA SER E 11 -4.34 -5.65 25.75
C SER E 11 -5.21 -4.84 26.70
N ASN E 12 -4.60 -3.98 27.52
CA ASN E 12 -5.37 -3.11 28.42
C ASN E 12 -5.89 -1.85 27.72
N LYS E 13 -5.59 -1.63 26.45
CA LYS E 13 -6.02 -0.38 25.83
C LYS E 13 -5.46 -0.13 24.43
N CYS E 14 -6.29 0.45 23.56
CA CYS E 14 -5.76 1.07 22.35
C CYS E 14 -5.12 2.41 22.73
N ALA E 15 -4.49 3.03 21.77
CA ALA E 15 -3.82 4.29 22.00
C ALA E 15 -3.12 4.73 20.73
N ILE E 16 -3.15 6.02 20.45
CA ILE E 16 -2.56 6.56 19.25
C ILE E 16 -1.10 6.81 19.51
N ILE E 17 -0.24 6.26 18.66
CA ILE E 17 1.19 6.46 18.80
C ILE E 17 1.76 7.07 17.55
N SAR E 18 2.93 7.71 17.65
CA SAR E 18 3.64 8.11 16.46
C SAR E 18 4.56 7.15 16.09
O SAR E 18 5.05 6.38 16.87
CN SAR E 18 3.65 8.00 18.90
HA2 SAR E 18 3.17 8.53 15.73
HA3 SAR E 18 4.19 8.81 16.91
HN1 SAR E 18 3.74 8.98 19.02
HN2 SAR E 18 4.55 7.60 18.86
HN3 SAR E 18 3.16 7.63 19.66
N LEU E 19 4.92 7.14 14.81
CA LEU E 19 5.96 6.23 14.30
C LEU E 19 6.85 7.03 13.42
N MET E 20 8.08 7.24 13.85
CA MET E 20 8.94 8.22 13.22
C MET E 20 9.84 7.51 12.22
N VAL E 21 9.96 8.09 11.01
CA VAL E 21 10.93 7.68 10.02
C VAL E 21 11.73 8.89 9.58
N ORN F 1 -6.60 5.46 -5.33
CA ORN F 1 -5.37 5.28 -4.51
CB ORN F 1 -4.23 6.16 -5.03
CG ORN F 1 -3.55 5.68 -6.28
CD ORN F 1 -2.55 4.57 -6.06
NE ORN F 1 -1.45 4.99 -5.19
C ORN F 1 -5.62 5.62 -3.00
O ORN F 1 -6.54 6.35 -2.60
H2 ORN F 1 -6.82 6.44 -5.51
H ORN F 1 -7.43 5.07 -4.89
H3 ORN F 1 -6.54 5.01 -6.24
HA ORN F 1 -5.13 4.21 -4.56
HB2 ORN F 1 -3.45 6.23 -4.26
HB3 ORN F 1 -4.63 7.16 -5.24
HG2 ORN F 1 -3.03 6.52 -6.74
HG3 ORN F 1 -4.32 5.32 -6.97
HD2 ORN F 1 -3.06 3.71 -5.59
HD3 ORN F 1 -2.13 4.29 -7.02
HE1 ORN F 1 -0.68 5.48 -5.63
N LEU F 2 -4.72 5.09 -2.14
CA LEU F 2 -4.81 5.35 -0.71
C LEU F 2 -3.98 6.57 -0.38
N VAL F 3 -4.43 7.45 0.51
CA VAL F 3 -3.65 8.59 0.91
C VAL F 3 -3.42 8.39 2.42
N PHE F 4 -2.15 8.17 2.80
CA PHE F 4 -1.73 8.16 4.19
C PHE F 4 -1.30 9.57 4.58
N PHE F 5 -1.10 9.79 5.89
CA PHE F 5 -0.80 11.09 6.40
C PHE F 5 0.37 11.01 7.34
N ALA F 6 1.20 12.03 7.29
CA ALA F 6 2.38 12.08 8.10
C ALA F 6 2.67 13.50 8.44
N GLU F 7 3.20 13.69 9.61
CA GLU F 7 3.76 14.97 10.00
C GLU F 7 5.18 15.03 9.47
N ASP F 8 5.48 16.03 8.65
CA ASP F 8 6.81 16.15 8.04
C ASP F 8 7.63 17.15 8.85
N CYS F 9 8.64 16.65 9.54
CA CYS F 9 9.37 17.45 10.51
C CYS F 9 10.62 18.03 9.87
N GLY F 10 10.98 19.23 10.31
CA GLY F 10 12.21 19.90 9.95
C GLY F 10 12.84 20.50 11.19
N SER F 11 13.63 21.56 10.98
CA SER F 11 14.23 22.32 12.08
C SER F 11 13.16 23.11 12.82
N ASN F 12 12.17 22.39 13.38
CA ASN F 12 11.04 22.98 14.10
C ASN F 12 10.09 23.66 13.13
N LYS F 13 9.51 22.87 12.22
CA LYS F 13 8.44 23.36 11.35
C LYS F 13 7.68 22.19 10.74
N CYS F 14 6.84 21.54 11.52
CA CYS F 14 6.10 20.42 11.00
C CYS F 14 4.89 20.89 10.18
N ALA F 15 4.41 19.98 9.34
CA ALA F 15 3.17 20.16 8.62
C ALA F 15 2.67 18.76 8.31
N ILE F 16 1.38 18.60 8.15
CA ILE F 16 0.80 17.34 7.72
C ILE F 16 0.95 17.27 6.22
N ILE F 17 1.40 16.16 5.72
CA ILE F 17 1.35 15.95 4.27
C ILE F 17 0.60 14.71 3.92
N SAR F 18 0.13 14.60 2.69
CA SAR F 18 -0.36 13.28 2.24
C SAR F 18 0.60 12.56 1.57
O SAR F 18 1.47 13.11 0.94
CN SAR F 18 0.10 15.67 1.65
HA2 SAR F 18 -0.92 12.74 2.83
HA3 SAR F 18 -0.95 13.63 1.52
HN1 SAR F 18 0.57 15.36 0.85
HN2 SAR F 18 0.52 16.48 2.00
HN3 SAR F 18 -0.84 15.86 1.43
N LEU F 19 0.55 11.24 1.70
CA LEU F 19 1.39 10.37 0.90
C LEU F 19 0.51 9.42 0.13
N MET F 20 0.52 9.55 -1.18
CA MET F 20 -0.46 8.84 -2.01
C MET F 20 0.10 7.53 -2.52
N VAL F 21 -0.66 6.45 -2.38
CA VAL F 21 -0.30 5.17 -3.00
C VAL F 21 -1.48 4.70 -3.85
C38 JEF G . 3.75 5.71 1.67
O12 JEF G . 4.56 4.89 2.47
C37 JEF G . 3.90 3.82 3.08
C36 JEF G . 3.63 4.15 4.55
O11 JEF G . 2.63 3.28 4.99
C33 JEF G . 2.61 2.92 6.34
C34 JEF G . 1.76 3.94 7.05
C32 JEF G . 2.00 1.50 6.47
O10 JEF G . 1.18 1.19 5.37
C19 JEF G . 1.17 -0.14 4.88
C40 JEF G . 0.08 -0.87 5.67
C20 JEF G . 0.95 -0.21 3.33
O JEF G . 1.95 0.47 2.57
C JEF G . 1.90 0.54 1.15
C18 JEF G . 1.66 -0.84 0.54
C17 JEF G . 3.24 1.16 0.63
OH JEF G . 3.39 1.20 -0.80
C2 JEF G . 4.69 1.50 -1.33
C1 JEF G . 5.05 2.98 -1.13
C3 JEF G . 4.83 1.24 -2.86
O2 JEF G . 4.23 0.00 -3.21
C5 JEF G . 4.96 -1.12 -3.69
C6 JEF G . 6.33 -1.29 -3.02
C4 JEF G . 4.09 -2.35 -3.36
O3 JEF G . 4.73 -3.57 -3.68
C7 JEF G . 3.98 -4.73 -3.39
C9 JEF G . 4.44 -5.89 -4.27
C8 JEF G . 4.18 -5.10 -1.92
O4 JEF G . 3.13 -5.88 -1.40
C11 JEF G . 1.97 -5.24 -0.88
C12 JEF G . 2.30 -4.04 0.03
C10 JEF G . 1.14 -6.29 -0.12
O5 JEF G . 1.80 -6.71 1.05
C13 JEF G . 1.21 -6.34 2.28
C15 JEF G . 2.27 -6.27 3.40
C14 JEF G . 0.12 -7.34 2.64
O6 JEF G . -0.62 -6.91 3.76
C16 JEF G . -0.34 -7.53 4.98
C30 JEF G . -0.91 -6.70 6.15
C31 JEF G . -2.24 -6.01 5.75
N1 JEF G . -1.11 -7.60 7.27
H381 JEF G . 4.30 6.39 1.25
H382 JEF G . 3.33 5.17 0.98
H383 JEF G . 3.07 6.12 2.22
H371 JEF G . 4.44 3.02 3.02
H372 JEF G . 3.05 3.66 2.63
H361 JEF G . 4.44 4.01 5.08
H362 JEF G . 3.34 5.07 4.64
H33 JEF G . 3.52 2.93 6.70
H341 JEF G . 1.65 4.72 6.48
H342 JEF G . 2.19 4.21 7.88
H343 JEF G . 0.90 3.56 7.25
H321 JEF G . 1.47 1.46 7.28
H322 JEF G . 2.72 0.85 6.54
H19 JEF G . 2.03 -0.55 5.08
H401 JEF G . 0.48 -1.27 6.47
H402 JEF G . -0.60 -0.23 5.94
H403 JEF G . -0.31 -1.56 5.12
H201 JEF G . 0.94 -1.15 3.06
H202 JEF G . 0.08 0.18 3.12
H JEF G . 1.18 1.13 0.89
H181 JEF G . 0.71 -1.05 0.59
H182 JEF G . 1.94 -0.85 -0.39
H183 JEF G . 2.15 -1.51 1.03
H171 JEF G . 3.30 2.07 0.96
H172 JEF G . 3.98 0.65 1.00
H2 JEF G . 5.35 0.97 -0.87
H11A JEF G . 5.09 3.42 -2.00
H12 JEF G . 4.38 3.41 -0.57
H13A JEF G . 5.92 3.05 -0.70
H31 JEF G . 5.76 1.20 -3.09
H32 JEF G . 4.40 1.94 -3.34
H5 JEF G . 5.07 -1.04 -4.65
H61 JEF G . 6.21 -1.34 -2.05
H62 JEF G . 6.90 -0.53 -3.23
H63 JEF G . 6.74 -2.11 -3.33
H41 JEF G . 3.27 -2.30 -3.87
H42 JEF G . 3.89 -2.34 -2.42
H7 JEF G . 3.04 -4.56 -3.55
H91 JEF G . 4.31 -5.66 -5.20
H92 JEF G . 3.91 -6.68 -4.06
H93 JEF G . 5.37 -6.07 -4.09
H81 JEF G . 4.27 -4.29 -1.40
H82 JEF G . 5.01 -5.62 -1.84
H11 JEF G . 1.44 -4.92 -1.63
H121 JEF G . 2.40 -3.25 -0.50
H122 JEF G . 3.11 -4.22 0.52
H123 JEF G . 1.57 -3.92 0.67
H101 JEF G . 0.99 -7.05 -0.69
H102 JEF G . 0.29 -5.90 0.12
H13 JEF G . 0.81 -5.46 2.18
H151 JEF G . 2.70 -7.14 3.49
H152 JEF G . 2.95 -5.61 3.17
H153 JEF G . 1.85 -6.03 4.23
H141 JEF G . -0.47 -7.45 1.88
H142 JEF G . 0.53 -8.20 2.85
H161 JEF G . 0.62 -7.61 5.09
H162 JEF G . -0.74 -8.42 4.99
H30 JEF G . -0.27 -6.02 6.39
H311 JEF G . -2.60 -6.45 4.96
H312 JEF G . -2.88 -6.10 6.48
H313 JEF G . -2.08 -5.08 5.58
HN11 JEF G . -1.98 -7.64 7.48
HN12 JEF G . -0.83 -8.41 7.07
#